data_9ILF
#
_entry.id   9ILF
#
_cell.length_a   100.267
_cell.length_b   100.267
_cell.length_c   36.004
_cell.angle_alpha   90.00
_cell.angle_beta   90.00
_cell.angle_gamma   120.00
#
_symmetry.space_group_name_H-M   'P 31'
#
loop_
_entity.id
_entity.type
_entity.pdbx_description
1 polymer Malectin
2 branched alpha-D-glucopyranose-(1-3)-alpha-D-glucopyranose
3 non-polymer '1,4-DIETHYLENE DIOXIDE'
4 non-polymer 'SULFATE ION'
5 water water
#
_entity_poly.entity_id   1
_entity_poly.type   'polypeptide(L)'
_entity_poly.pdbx_seq_one_letter_code
;AGLPESVIWAVNAGGEAHVDVHGIHFRKDPLEGRVGRASDYGMKLPILRSNPEDQILYQTERYNEETFGYEVPIKEEGDY
VLVLKFAEVYFAQSQQKVFDVRLNGHVVVKDLDIFDRVGHSTAHDEIIPMSIRKGKLSVQGEVSTFTGKLYIEFVKGYYD
NPKVCALYIMAGTVDDVPKLQPHP
;
_entity_poly.pdbx_strand_id   A,B
#
loop_
_chem_comp.id
_chem_comp.type
_chem_comp.name
_chem_comp.formula
DIO non-polymer '1,4-DIETHYLENE DIOXIDE' 'C4 H8 O2'
GLC D-saccharide, alpha linking alpha-D-glucopyranose 'C6 H12 O6'
SO4 non-polymer 'SULFATE ION' 'O4 S -2'
#
# COMPACT_ATOMS: atom_id res chain seq x y z
N ALA A 1 -7.05 31.84 22.03
CA ALA A 1 -7.34 32.00 20.59
C ALA A 1 -8.06 30.77 20.02
N GLY A 2 -8.99 30.98 19.09
CA GLY A 2 -9.67 29.89 18.41
C GLY A 2 -8.72 29.14 17.47
N LEU A 3 -9.26 28.07 16.85
CA LEU A 3 -8.40 27.10 16.16
C LEU A 3 -7.56 27.71 15.03
N PRO A 4 -8.13 28.27 13.96
CA PRO A 4 -7.25 28.76 12.89
C PRO A 4 -6.25 29.78 13.40
N GLU A 5 -6.68 30.67 14.29
CA GLU A 5 -5.80 31.74 14.77
C GLU A 5 -4.67 31.22 15.66
N SER A 6 -4.80 30.02 16.22
CA SER A 6 -3.76 29.45 17.07
C SER A 6 -2.73 28.61 16.31
N VAL A 7 -2.91 28.37 15.00
CA VAL A 7 -1.95 27.58 14.21
C VAL A 7 -0.80 28.48 13.74
N ILE A 8 0.44 28.14 14.14
CA ILE A 8 1.62 28.94 13.78
C ILE A 8 2.39 28.44 12.54
N TRP A 9 2.19 27.17 12.12
CA TRP A 9 2.99 26.50 11.08
C TRP A 9 2.27 25.21 10.64
N ALA A 10 2.12 24.95 9.32
CA ALA A 10 1.41 23.75 8.83
C ALA A 10 1.81 23.41 7.38
N VAL A 11 1.96 22.10 7.09
CA VAL A 11 2.50 21.63 5.80
C VAL A 11 1.68 20.45 5.25
N ASN A 12 1.36 20.47 3.94
CA ASN A 12 0.84 19.30 3.20
C ASN A 12 2.01 18.64 2.48
N ALA A 13 2.58 17.58 3.07
CA ALA A 13 3.78 16.95 2.50
C ALA A 13 3.45 16.26 1.17
N GLY A 14 4.34 16.47 0.19
CA GLY A 14 4.16 15.96 -1.17
C GLY A 14 3.07 16.63 -1.98
N GLY A 15 2.52 17.76 -1.52
CA GLY A 15 1.35 18.33 -2.17
C GLY A 15 1.28 19.85 -2.22
N GLU A 16 0.12 20.37 -2.64
CA GLU A 16 -0.19 21.78 -2.81
C GLU A 16 -1.03 22.29 -1.62
N ALA A 17 -1.29 23.60 -1.59
CA ALA A 17 -2.07 24.19 -0.50
C ALA A 17 -3.46 23.56 -0.40
N HIS A 18 -3.96 23.40 0.84
CA HIS A 18 -5.30 22.89 1.10
C HIS A 18 -5.82 23.42 2.44
N VAL A 19 -7.05 23.93 2.46
CA VAL A 19 -7.70 24.36 3.72
C VAL A 19 -8.70 23.29 4.14
N ASP A 20 -8.56 22.79 5.39
CA ASP A 20 -9.36 21.67 5.87
C ASP A 20 -10.69 22.16 6.46
N VAL A 21 -11.52 21.22 6.94
CA VAL A 21 -12.88 21.60 7.36
C VAL A 21 -12.90 22.43 8.64
N HIS A 22 -11.80 22.45 9.40
CA HIS A 22 -11.65 23.33 10.57
C HIS A 22 -11.10 24.71 10.23
N GLY A 23 -10.77 24.96 8.96
CA GLY A 23 -10.17 26.22 8.58
C GLY A 23 -8.66 26.29 8.67
N ILE A 24 -7.99 25.15 8.84
CA ILE A 24 -6.52 25.11 8.91
C ILE A 24 -5.93 25.05 7.51
N HIS A 25 -5.02 26.00 7.20
CA HIS A 25 -4.31 26.08 5.92
C HIS A 25 -3.02 25.26 6.00
N PHE A 26 -3.01 24.08 5.36
CA PHE A 26 -1.78 23.28 5.18
C PHE A 26 -1.04 23.82 3.95
N ARG A 27 0.15 24.40 4.15
CA ARG A 27 0.89 25.07 3.07
C ARG A 27 1.47 24.06 2.06
N LYS A 28 1.69 24.51 0.82
CA LYS A 28 2.46 23.72 -0.14
C LYS A 28 3.82 23.33 0.45
N ASP A 29 4.31 22.13 0.08
CA ASP A 29 5.49 21.51 0.72
C ASP A 29 6.77 22.36 0.53
N PRO A 30 7.39 22.88 1.60
CA PRO A 30 8.63 23.66 1.42
C PRO A 30 9.86 22.83 1.02
N LEU A 31 9.82 21.49 1.12
CA LEU A 31 10.95 20.66 0.68
C LEU A 31 10.83 20.18 -0.77
N GLU A 32 9.88 20.69 -1.55
CA GLU A 32 9.74 20.28 -2.95
C GLU A 32 11.05 20.53 -3.71
N GLY A 33 11.54 19.47 -4.37
CA GLY A 33 12.77 19.53 -5.14
C GLY A 33 14.05 19.57 -4.33
N ARG A 34 13.99 19.40 -3.01
CA ARG A 34 15.14 19.66 -2.15
C ARG A 34 15.59 18.42 -1.36
N VAL A 35 14.74 17.86 -0.52
CA VAL A 35 15.09 16.75 0.36
C VAL A 35 13.98 15.70 0.26
N GLY A 36 14.37 14.44 0.03
CA GLY A 36 13.40 13.34 -0.07
C GLY A 36 12.68 13.26 -1.41
N ARG A 37 11.59 12.47 -1.42
CA ARG A 37 10.80 12.18 -2.62
C ARG A 37 9.30 12.36 -2.41
N ALA A 38 8.66 13.19 -3.24
CA ALA A 38 7.20 13.32 -3.24
C ALA A 38 6.53 12.16 -3.99
N SER A 39 5.35 11.74 -3.50
CA SER A 39 4.52 10.75 -4.21
C SER A 39 3.03 11.04 -4.07
N ASP A 40 2.32 11.03 -5.22
CA ASP A 40 0.86 11.13 -5.27
C ASP A 40 0.20 9.78 -5.58
N TYR A 41 0.88 8.66 -5.26
CA TYR A 41 0.34 7.32 -5.51
C TYR A 41 -1.03 7.10 -4.86
N GLY A 42 -1.26 7.64 -3.67
CA GLY A 42 -2.53 7.44 -2.97
C GLY A 42 -3.75 8.15 -3.55
N MET A 43 -3.58 9.01 -4.56
CA MET A 43 -4.70 9.76 -5.12
C MET A 43 -5.70 8.85 -5.84
N LYS A 44 -5.35 7.59 -6.08
CA LYS A 44 -6.28 6.64 -6.66
C LYS A 44 -7.15 5.91 -5.65
N LEU A 45 -6.96 6.16 -4.34
CA LEU A 45 -7.58 5.36 -3.27
C LEU A 45 -8.50 6.20 -2.38
N PRO A 46 -9.68 5.71 -2.02
CA PRO A 46 -10.44 6.34 -0.94
C PRO A 46 -9.74 6.13 0.40
N ILE A 47 -9.70 7.17 1.24
CA ILE A 47 -9.02 7.12 2.54
C ILE A 47 -10.08 7.02 3.63
N LEU A 48 -10.10 5.90 4.37
CA LEU A 48 -11.10 5.70 5.42
C LEU A 48 -10.76 6.53 6.67
N ARG A 49 -11.81 6.83 7.45
CA ARG A 49 -11.75 7.50 8.75
C ARG A 49 -11.64 9.02 8.63
N SER A 50 -10.88 9.53 7.65
CA SER A 50 -10.79 10.96 7.36
C SER A 50 -12.11 11.55 6.85
N ASN A 51 -12.31 12.86 7.08
CA ASN A 51 -13.36 13.56 6.35
C ASN A 51 -13.08 13.47 4.85
N PRO A 52 -14.09 13.17 4.02
CA PRO A 52 -13.81 12.99 2.58
C PRO A 52 -13.38 14.26 1.86
N GLU A 53 -13.71 15.45 2.38
CA GLU A 53 -13.26 16.69 1.74
C GLU A 53 -11.76 16.90 1.89
N ASP A 54 -11.14 16.22 2.84
CA ASP A 54 -9.74 16.43 3.20
C ASP A 54 -8.85 15.22 2.87
N GLN A 55 -9.33 14.27 2.07
CA GLN A 55 -8.53 13.07 1.81
C GLN A 55 -7.21 13.39 1.12
N ILE A 56 -7.14 14.49 0.37
CA ILE A 56 -5.92 14.82 -0.38
C ILE A 56 -4.71 14.95 0.56
N LEU A 57 -4.93 15.29 1.84
CA LEU A 57 -3.82 15.39 2.79
C LEU A 57 -3.12 14.05 2.97
N TYR A 58 -3.91 12.97 3.05
CA TYR A 58 -3.42 11.61 3.25
C TYR A 58 -3.06 10.88 1.95
N GLN A 59 -3.52 11.37 0.78
CA GLN A 59 -3.23 10.77 -0.52
C GLN A 59 -1.88 11.21 -1.09
N THR A 60 -1.23 12.22 -0.51
CA THR A 60 0.09 12.73 -0.90
C THR A 60 1.06 12.59 0.28
N GLU A 61 2.34 12.28 -0.02
CA GLU A 61 3.36 12.02 1.00
C GLU A 61 4.75 12.53 0.55
N ARG A 62 5.65 12.69 1.54
CA ARG A 62 7.10 12.69 1.31
C ARG A 62 7.73 11.50 2.04
N TYR A 63 8.60 10.74 1.35
CA TYR A 63 9.31 9.59 1.91
C TYR A 63 10.78 9.62 1.49
N ASN A 64 11.62 8.76 2.09
CA ASN A 64 13.04 8.70 1.71
C ASN A 64 13.67 7.38 2.17
N GLU A 65 14.75 6.97 1.49
CA GLU A 65 15.51 5.78 1.87
C GLU A 65 16.63 6.06 2.88
N GLU A 66 16.81 7.32 3.29
CA GLU A 66 17.69 7.73 4.39
C GLU A 66 16.92 8.69 5.29
N THR A 67 17.42 8.90 6.51
CA THR A 67 16.79 9.82 7.47
C THR A 67 16.62 11.22 6.86
N PHE A 68 15.48 11.89 7.14
CA PHE A 68 15.21 13.25 6.67
C PHE A 68 14.31 13.99 7.67
N GLY A 69 14.23 15.34 7.53
CA GLY A 69 13.40 16.12 8.45
C GLY A 69 13.07 17.54 8.03
N TYR A 70 12.22 18.20 8.85
CA TYR A 70 11.79 19.60 8.68
C TYR A 70 12.33 20.47 9.82
N GLU A 71 12.84 21.65 9.49
CA GLU A 71 13.26 22.66 10.47
C GLU A 71 12.17 23.72 10.64
N VAL A 72 11.83 24.06 11.90
CA VAL A 72 10.71 24.95 12.21
C VAL A 72 11.16 26.11 13.10
N PRO A 73 11.00 27.37 12.69
CA PRO A 73 11.27 28.50 13.60
C PRO A 73 10.13 28.73 14.58
N ILE A 74 10.46 28.95 15.86
CA ILE A 74 9.48 29.24 16.91
C ILE A 74 9.83 30.57 17.57
N LYS A 75 8.92 31.57 17.43
CA LYS A 75 9.25 32.95 17.78
C LYS A 75 9.02 33.29 19.26
N GLU A 76 8.05 32.67 19.94
CA GLU A 76 7.68 33.04 21.30
C GLU A 76 7.60 31.81 22.23
N GLU A 77 7.88 32.04 23.52
CA GLU A 77 7.70 30.99 24.53
C GLU A 77 6.20 30.68 24.73
N GLY A 78 5.92 29.45 25.20
CA GLY A 78 4.56 29.07 25.56
C GLY A 78 4.34 27.56 25.43
N ASP A 79 3.06 27.17 25.54
CA ASP A 79 2.63 25.78 25.38
C ASP A 79 2.16 25.50 23.95
N TYR A 80 2.59 24.36 23.38
CA TYR A 80 2.28 23.99 21.99
C TYR A 80 1.93 22.51 21.88
N VAL A 81 1.22 22.14 20.78
CA VAL A 81 0.98 20.73 20.43
C VAL A 81 1.34 20.50 18.96
N LEU A 82 2.17 19.47 18.70
CA LEU A 82 2.51 19.01 17.36
C LEU A 82 1.62 17.84 16.96
N VAL A 83 0.98 17.92 15.78
CA VAL A 83 0.13 16.86 15.23
C VAL A 83 0.75 16.35 13.93
N LEU A 84 0.96 15.02 13.82
CA LEU A 84 1.53 14.35 12.65
C LEU A 84 0.50 13.39 12.03
N LYS A 85 0.26 13.51 10.71
CA LYS A 85 -0.77 12.74 9.99
C LYS A 85 -0.13 11.74 9.03
N PHE A 86 -0.61 10.48 9.05
CA PHE A 86 -0.06 9.35 8.27
C PHE A 86 -1.15 8.48 7.64
N ALA A 87 -0.79 7.76 6.56
CA ALA A 87 -1.58 6.64 5.99
C ALA A 87 -0.64 5.67 5.27
N GLU A 88 -0.97 4.35 5.33
CA GLU A 88 -0.22 3.31 4.60
C GLU A 88 -0.97 2.97 3.31
N VAL A 89 -0.43 3.42 2.17
CA VAL A 89 -1.10 3.25 0.88
C VAL A 89 -0.45 2.16 0.02
N TYR A 90 0.49 1.37 0.57
CA TYR A 90 1.14 0.28 -0.18
C TYR A 90 1.01 -1.08 0.50
N PHE A 91 1.49 -1.25 1.74
CA PHE A 91 1.49 -2.54 2.44
C PHE A 91 0.16 -2.84 3.16
N ALA A 92 -0.06 -4.14 3.45
CA ALA A 92 -1.25 -4.61 4.17
C ALA A 92 -0.93 -5.83 5.06
N GLN A 93 0.26 -5.81 5.69
CA GLN A 93 0.66 -6.71 6.78
C GLN A 93 1.50 -5.92 7.78
N SER A 94 1.59 -6.41 9.02
CA SER A 94 2.44 -5.76 10.01
C SER A 94 3.92 -6.10 9.80
N GLN A 95 4.79 -5.26 10.38
CA GLN A 95 6.25 -5.43 10.30
C GLN A 95 6.76 -5.43 8.85
N GLN A 96 6.18 -4.57 8.02
CA GLN A 96 6.68 -4.30 6.66
C GLN A 96 7.32 -2.92 6.56
N LYS A 97 6.66 -1.86 7.06
CA LYS A 97 7.22 -0.51 7.20
C LYS A 97 7.14 -0.09 8.68
N VAL A 98 8.31 0.19 9.29
CA VAL A 98 8.42 0.56 10.72
C VAL A 98 9.52 1.60 10.86
N PHE A 99 9.28 2.69 11.63
CA PHE A 99 10.27 3.76 11.80
C PHE A 99 10.04 4.58 13.07
N ASP A 100 11.10 5.26 13.54
CA ASP A 100 11.07 6.18 14.69
C ASP A 100 10.85 7.64 14.24
N VAL A 101 10.28 8.46 15.14
CA VAL A 101 10.19 9.92 14.99
C VAL A 101 10.94 10.59 16.16
N ARG A 102 11.79 11.59 15.85
CA ARG A 102 12.57 12.32 16.84
C ARG A 102 12.31 13.83 16.77
N LEU A 103 12.41 14.50 17.93
CA LEU A 103 12.27 15.96 18.04
C LEU A 103 13.49 16.50 18.78
N ASN A 104 14.35 17.25 18.09
CA ASN A 104 15.60 17.75 18.67
C ASN A 104 16.40 16.62 19.32
N GLY A 105 16.33 15.42 18.72
CA GLY A 105 17.05 14.26 19.22
C GLY A 105 16.28 13.36 20.17
N HIS A 106 15.22 13.84 20.82
CA HIS A 106 14.40 13.01 21.70
C HIS A 106 13.51 12.09 20.87
N VAL A 107 13.49 10.80 21.18
CA VAL A 107 12.59 9.85 20.50
C VAL A 107 11.18 10.05 21.06
N VAL A 108 10.25 10.54 20.23
CA VAL A 108 8.89 10.82 20.68
C VAL A 108 7.86 9.82 20.15
N VAL A 109 8.15 9.08 19.07
CA VAL A 109 7.37 7.91 18.66
C VAL A 109 8.34 6.78 18.36
N LYS A 110 8.24 5.67 19.10
CA LYS A 110 9.12 4.51 18.92
C LYS A 110 8.41 3.40 18.14
N ASP A 111 9.06 2.92 17.06
CA ASP A 111 8.58 1.78 16.25
C ASP A 111 7.16 1.97 15.72
N LEU A 112 6.93 3.09 15.02
CA LEU A 112 5.64 3.35 14.38
C LEU A 112 5.40 2.40 13.20
N ASP A 113 4.33 1.61 13.28
CA ASP A 113 3.87 0.65 12.25
C ASP A 113 2.43 1.08 11.92
N ILE A 114 2.29 1.94 10.90
CA ILE A 114 0.98 2.53 10.56
C ILE A 114 -0.07 1.44 10.28
N PHE A 115 0.27 0.43 9.46
CA PHE A 115 -0.70 -0.61 9.17
C PHE A 115 -1.18 -1.33 10.44
N ASP A 116 -0.25 -1.65 11.36
CA ASP A 116 -0.63 -2.41 12.57
C ASP A 116 -1.68 -1.65 13.38
N ARG A 117 -1.57 -0.32 13.44
CA ARG A 117 -2.45 0.53 14.24
C ARG A 117 -3.83 0.74 13.62
N VAL A 118 -3.93 0.89 12.28
CA VAL A 118 -5.21 1.30 11.67
C VAL A 118 -5.64 0.53 10.42
N GLY A 119 -4.77 -0.29 9.83
CA GLY A 119 -5.09 -0.97 8.56
C GLY A 119 -4.57 -0.26 7.32
N HIS A 120 -5.05 -0.72 6.15
CA HIS A 120 -4.65 -0.21 4.82
C HIS A 120 -5.53 0.97 4.42
N SER A 121 -4.89 2.01 3.83
CA SER A 121 -5.59 3.18 3.25
C SER A 121 -6.53 3.86 4.26
N THR A 122 -6.02 4.08 5.49
CA THR A 122 -6.80 4.61 6.63
C THR A 122 -5.98 5.66 7.40
N ALA A 123 -6.62 6.75 7.83
CA ALA A 123 -5.93 7.82 8.56
C ALA A 123 -5.48 7.40 9.96
N HIS A 124 -4.26 7.84 10.35
CA HIS A 124 -3.68 7.69 11.70
C HIS A 124 -2.90 8.96 12.10
N ASP A 125 -3.21 9.55 13.26
CA ASP A 125 -2.54 10.76 13.76
C ASP A 125 -1.79 10.49 15.07
N GLU A 126 -0.60 11.09 15.23
CA GLU A 126 0.13 11.15 16.50
C GLU A 126 0.07 12.58 17.07
N ILE A 127 -0.22 12.70 18.37
CA ILE A 127 -0.42 13.98 19.05
C ILE A 127 0.63 14.13 20.15
N ILE A 128 1.48 15.16 20.03
CA ILE A 128 2.67 15.33 20.89
C ILE A 128 2.71 16.69 21.60
N PRO A 129 2.32 16.79 22.87
CA PRO A 129 2.41 18.09 23.57
C PRO A 129 3.84 18.44 23.99
N MET A 130 4.11 19.75 24.04
CA MET A 130 5.44 20.27 24.39
C MET A 130 5.32 21.66 25.02
N SER A 131 6.39 22.08 25.73
CA SER A 131 6.48 23.42 26.29
C SER A 131 7.85 24.03 25.98
N ILE A 132 7.88 25.33 25.70
CA ILE A 132 9.11 26.09 25.42
C ILE A 132 9.14 27.29 26.38
N ARG A 133 10.01 27.21 27.41
CA ARG A 133 10.06 28.21 28.47
C ARG A 133 11.48 28.26 29.05
N LYS A 134 11.91 29.47 29.44
CA LYS A 134 13.17 29.67 30.16
C LYS A 134 14.37 29.13 29.39
N GLY A 135 14.33 29.19 28.07
CA GLY A 135 15.40 28.70 27.22
C GLY A 135 15.45 27.20 27.00
N LYS A 136 14.39 26.47 27.36
CA LYS A 136 14.37 25.01 27.32
C LYS A 136 13.18 24.47 26.51
N LEU A 137 13.41 23.33 25.85
CA LEU A 137 12.34 22.49 25.28
C LEU A 137 12.01 21.35 26.26
N SER A 138 10.72 21.13 26.52
CA SER A 138 10.22 20.09 27.40
C SER A 138 9.25 19.18 26.62
N VAL A 139 9.56 17.89 26.53
CA VAL A 139 8.70 16.95 25.81
C VAL A 139 8.83 15.56 26.45
N GLN A 140 7.69 14.97 26.80
CA GLN A 140 7.61 13.60 27.36
C GLN A 140 8.52 13.43 28.57
N GLY A 141 8.59 14.46 29.41
CA GLY A 141 9.38 14.36 30.61
C GLY A 141 10.87 14.60 30.47
N GLU A 142 11.38 14.85 29.26
CA GLU A 142 12.79 15.17 29.03
C GLU A 142 12.97 16.64 28.68
N VAL A 143 14.19 17.16 28.89
CA VAL A 143 14.47 18.61 28.78
C VAL A 143 15.82 18.81 28.09
N SER A 144 15.90 19.84 27.22
CA SER A 144 17.16 20.21 26.53
C SER A 144 17.11 21.68 26.11
N THR A 145 18.29 22.21 25.76
CA THR A 145 18.42 23.64 25.41
C THR A 145 17.73 23.96 24.08
N PHE A 146 16.95 25.04 24.05
CA PHE A 146 16.25 25.49 22.83
C PHE A 146 16.89 26.75 22.29
N THR A 147 17.24 26.74 20.99
CA THR A 147 17.98 27.82 20.34
C THR A 147 17.14 28.68 19.42
N GLY A 148 15.86 28.35 19.23
CA GLY A 148 15.00 29.04 18.28
C GLY A 148 14.44 28.17 17.18
N LYS A 149 15.01 26.98 16.95
CA LYS A 149 14.61 26.06 15.88
C LYS A 149 14.26 24.68 16.43
N LEU A 150 13.13 24.12 15.96
CA LEU A 150 12.80 22.70 16.17
C LEU A 150 13.19 21.89 14.94
N TYR A 151 13.73 20.67 15.16
CA TYR A 151 14.03 19.75 14.05
C TYR A 151 13.22 18.46 14.22
N ILE A 152 12.29 18.23 13.29
CA ILE A 152 11.38 17.06 13.28
C ILE A 152 11.92 16.03 12.30
N GLU A 153 12.35 14.85 12.80
CA GLU A 153 13.12 13.86 12.05
C GLU A 153 12.36 12.55 11.92
N PHE A 154 12.39 11.97 10.71
CA PHE A 154 11.81 10.65 10.41
C PHE A 154 12.96 9.69 10.06
N VAL A 155 13.19 8.68 10.91
CA VAL A 155 14.48 7.95 10.97
C VAL A 155 14.41 6.65 10.16
N LYS A 156 15.45 6.39 9.34
CA LYS A 156 15.52 5.15 8.56
C LYS A 156 16.03 3.98 9.40
N GLY A 157 15.20 2.95 9.53
CA GLY A 157 15.59 1.71 10.17
C GLY A 157 15.70 0.55 9.20
N TYR A 158 15.37 -0.67 9.65
CA TYR A 158 15.55 -1.86 8.82
C TYR A 158 14.33 -2.21 7.96
N TYR A 159 13.12 -1.72 8.29
CA TYR A 159 11.87 -2.14 7.63
C TYR A 159 11.30 -1.02 6.73
N ASP A 160 11.58 -1.08 5.43
CA ASP A 160 11.17 -0.11 4.39
C ASP A 160 11.54 1.34 4.79
N ASN A 161 10.78 2.38 4.24
CA ASN A 161 11.18 3.80 4.29
C ASN A 161 10.31 4.66 5.23
N PRO A 162 10.92 5.58 6.00
CA PRO A 162 10.13 6.57 6.76
C PRO A 162 9.34 7.51 5.84
N LYS A 163 8.18 7.98 6.33
CA LYS A 163 7.28 8.83 5.53
C LYS A 163 6.41 9.72 6.44
N VAL A 164 5.83 10.78 5.85
CA VAL A 164 4.83 11.64 6.51
C VAL A 164 3.87 12.22 5.46
N CYS A 165 2.59 12.42 5.85
CA CYS A 165 1.57 12.96 4.93
C CYS A 165 1.23 14.44 5.18
N ALA A 166 1.07 14.86 6.44
CA ALA A 166 0.84 16.27 6.77
C ALA A 166 1.22 16.52 8.23
N LEU A 167 1.39 17.79 8.61
CA LEU A 167 1.81 18.12 10.01
C LEU A 167 1.54 19.59 10.36
N TYR A 168 1.11 19.87 11.60
CA TYR A 168 0.88 21.26 12.05
C TYR A 168 1.24 21.44 13.52
N ILE A 169 1.50 22.72 13.92
CA ILE A 169 1.79 23.09 15.30
C ILE A 169 0.83 24.21 15.74
N MET A 170 0.15 24.01 16.88
CA MET A 170 -0.78 25.01 17.41
C MET A 170 -0.42 25.43 18.83
N ALA A 171 -0.70 26.69 19.17
CA ALA A 171 -0.55 27.15 20.55
C ALA A 171 -1.73 26.69 21.41
N GLY A 172 -1.44 26.03 22.54
CA GLY A 172 -2.46 25.53 23.43
C GLY A 172 -2.08 24.20 24.05
N THR A 173 -3.07 23.46 24.55
CA THR A 173 -2.88 22.15 25.16
C THR A 173 -3.74 21.08 24.46
N VAL A 174 -3.58 19.83 24.88
CA VAL A 174 -4.08 18.70 24.09
C VAL A 174 -5.61 18.68 24.07
N ASP A 175 -6.27 19.23 25.08
CA ASP A 175 -7.73 19.27 25.06
C ASP A 175 -8.29 20.18 23.97
N ASP A 176 -7.45 21.04 23.36
CA ASP A 176 -7.86 21.94 22.29
C ASP A 176 -7.77 21.32 20.90
N VAL A 177 -7.22 20.12 20.76
CA VAL A 177 -6.90 19.53 19.45
C VAL A 177 -8.06 18.67 18.94
N PRO A 178 -8.52 18.86 17.71
CA PRO A 178 -9.55 17.96 17.14
C PRO A 178 -9.05 16.52 16.97
N LYS A 179 -9.85 15.56 17.42
CA LYS A 179 -9.50 14.13 17.41
C LYS A 179 -10.19 13.40 16.27
N LEU A 180 -9.48 12.42 15.69
CA LEU A 180 -10.11 11.51 14.72
C LEU A 180 -11.17 10.65 15.42
N GLN A 181 -12.17 10.21 14.66
CA GLN A 181 -13.21 9.36 15.23
C GLN A 181 -12.63 8.03 15.75
N PRO A 182 -13.23 7.44 16.78
CA PRO A 182 -12.78 6.10 17.21
C PRO A 182 -12.82 5.13 16.03
N HIS A 183 -11.73 4.40 15.83
CA HIS A 183 -11.70 3.70 14.55
C HIS A 183 -12.16 2.26 14.67
N PRO A 184 -11.50 1.46 15.48
CA PRO A 184 -12.09 0.13 15.59
C PRO A 184 -13.28 0.16 16.57
N ALA B 1 -12.90 -11.18 9.12
CA ALA B 1 -12.72 -9.92 8.40
C ALA B 1 -13.46 -9.93 7.05
N GLY B 2 -13.95 -8.76 6.63
CA GLY B 2 -14.59 -8.60 5.33
C GLY B 2 -13.57 -8.45 4.21
N LEU B 3 -14.07 -8.36 2.97
CA LEU B 3 -13.24 -8.57 1.79
C LEU B 3 -12.03 -7.64 1.71
N PRO B 4 -12.17 -6.31 1.61
CA PRO B 4 -10.97 -5.49 1.45
C PRO B 4 -9.99 -5.71 2.59
N GLU B 5 -10.50 -5.81 3.83
CA GLU B 5 -9.61 -5.94 4.99
C GLU B 5 -8.89 -7.30 5.02
N SER B 6 -9.41 -8.31 4.33
CA SER B 6 -8.77 -9.63 4.33
C SER B 6 -7.70 -9.79 3.24
N VAL B 7 -7.52 -8.82 2.34
CA VAL B 7 -6.52 -8.94 1.28
C VAL B 7 -5.16 -8.48 1.80
N ILE B 8 -4.15 -9.38 1.74
CA ILE B 8 -2.80 -9.08 2.27
C ILE B 8 -1.80 -8.62 1.19
N TRP B 9 -2.08 -8.87 -0.10
CA TRP B 9 -1.12 -8.65 -1.22
C TRP B 9 -1.89 -8.74 -2.56
N ALA B 10 -1.69 -7.77 -3.48
CA ALA B 10 -2.41 -7.78 -4.77
C ALA B 10 -1.67 -6.95 -5.85
N VAL B 11 -1.62 -7.46 -7.09
CA VAL B 11 -0.82 -6.87 -8.19
C VAL B 11 -1.63 -6.77 -9.48
N ASN B 12 -1.55 -5.61 -10.17
CA ASN B 12 -2.02 -5.45 -11.57
C ASN B 12 -0.82 -5.61 -12.51
N ALA B 13 -0.63 -6.81 -13.07
CA ALA B 13 0.56 -7.09 -13.88
C ALA B 13 0.54 -6.29 -15.19
N GLY B 14 1.70 -5.71 -15.52
CA GLY B 14 1.84 -4.83 -16.67
C GLY B 14 1.15 -3.48 -16.58
N GLY B 15 0.67 -3.08 -15.40
CA GLY B 15 -0.11 -1.87 -15.30
C GLY B 15 0.07 -1.03 -14.05
N GLU B 16 -0.82 -0.03 -13.86
CA GLU B 16 -0.85 0.93 -12.76
C GLU B 16 -1.89 0.52 -11.71
N ALA B 17 -1.96 1.28 -10.60
CA ALA B 17 -2.92 0.97 -9.54
C ALA B 17 -4.37 1.02 -10.03
N HIS B 18 -5.21 0.11 -9.51
CA HIS B 18 -6.64 0.09 -9.83
C HIS B 18 -7.43 -0.52 -8.68
N VAL B 19 -8.49 0.15 -8.22
CA VAL B 19 -9.41 -0.39 -7.22
C VAL B 19 -10.65 -0.96 -7.92
N ASP B 20 -10.96 -2.25 -7.66
CA ASP B 20 -12.04 -2.94 -8.37
C ASP B 20 -13.38 -2.71 -7.65
N VAL B 21 -14.47 -3.29 -8.21
CA VAL B 21 -15.81 -2.99 -7.70
C VAL B 21 -16.07 -3.56 -6.30
N HIS B 22 -15.23 -4.49 -5.83
CA HIS B 22 -15.30 -5.02 -4.47
C HIS B 22 -14.46 -4.24 -3.48
N GLY B 23 -13.75 -3.21 -3.92
CA GLY B 23 -12.86 -2.45 -3.06
C GLY B 23 -11.44 -2.98 -2.95
N ILE B 24 -11.04 -3.92 -3.80
CA ILE B 24 -9.69 -4.49 -3.75
C ILE B 24 -8.72 -3.61 -4.54
N HIS B 25 -7.62 -3.20 -3.90
CA HIS B 25 -6.56 -2.38 -4.51
C HIS B 25 -5.51 -3.29 -5.13
N PHE B 26 -5.50 -3.40 -6.48
CA PHE B 26 -4.44 -4.08 -7.22
C PHE B 26 -3.29 -3.08 -7.43
N ARG B 27 -2.13 -3.33 -6.80
CA ARG B 27 -1.02 -2.37 -6.81
C ARG B 27 -0.33 -2.30 -8.19
N LYS B 28 0.33 -1.16 -8.46
CA LYS B 28 1.20 -1.07 -9.64
C LYS B 28 2.24 -2.20 -9.62
N ASP B 29 2.60 -2.69 -10.81
CA ASP B 29 3.43 -3.90 -10.96
C ASP B 29 4.82 -3.74 -10.33
N PRO B 30 5.18 -4.52 -9.29
CA PRO B 30 6.53 -4.38 -8.70
C PRO B 30 7.67 -4.90 -9.60
N LEU B 31 7.39 -5.67 -10.65
CA LEU B 31 8.45 -6.12 -11.55
C LEU B 31 8.67 -5.19 -12.76
N GLU B 32 8.07 -3.99 -12.77
CA GLU B 32 8.30 -3.04 -13.86
C GLU B 32 9.80 -2.77 -14.05
N GLY B 33 10.28 -2.96 -15.27
CA GLY B 33 11.67 -2.75 -15.62
C GLY B 33 12.64 -3.80 -15.14
N ARG B 34 12.16 -4.91 -14.55
CA ARG B 34 13.02 -5.86 -13.85
C ARG B 34 13.03 -7.22 -14.51
N VAL B 35 11.93 -7.97 -14.45
CA VAL B 35 11.85 -9.34 -14.96
C VAL B 35 10.66 -9.41 -15.92
N GLY B 36 10.86 -10.03 -17.11
CA GLY B 36 9.78 -10.18 -18.09
C GLY B 36 9.48 -8.91 -18.88
N ARG B 37 8.33 -8.92 -19.57
CA ARG B 37 7.89 -7.86 -20.49
C ARG B 37 6.44 -7.44 -20.25
N ALA B 38 6.22 -6.14 -20.05
CA ALA B 38 4.87 -5.58 -19.96
C ALA B 38 4.26 -5.36 -21.35
N SER B 39 2.93 -5.58 -21.47
CA SER B 39 2.21 -5.25 -22.70
C SER B 39 0.82 -4.70 -22.42
N ASP B 40 0.49 -3.56 -23.06
CA ASP B 40 -0.87 -3.02 -23.04
C ASP B 40 -1.62 -3.25 -24.36
N TYR B 41 -1.25 -4.30 -25.11
CA TYR B 41 -1.90 -4.62 -26.39
C TYR B 41 -3.42 -4.78 -26.25
N GLY B 42 -3.89 -5.38 -25.16
CA GLY B 42 -5.32 -5.62 -24.96
C GLY B 42 -6.19 -4.38 -24.71
N MET B 43 -5.58 -3.19 -24.56
CA MET B 43 -6.35 -1.99 -24.24
C MET B 43 -7.25 -1.56 -25.40
N LYS B 44 -7.03 -2.11 -26.59
CA LYS B 44 -7.88 -1.86 -27.76
C LYS B 44 -9.14 -2.73 -27.80
N LEU B 45 -9.30 -3.69 -26.88
CA LEU B 45 -10.33 -4.74 -26.99
C LEU B 45 -11.32 -4.70 -25.82
N PRO B 46 -12.62 -4.84 -26.07
CA PRO B 46 -13.55 -5.12 -24.96
C PRO B 46 -13.31 -6.52 -24.39
N ILE B 47 -13.36 -6.64 -23.07
CA ILE B 47 -13.12 -7.92 -22.40
C ILE B 47 -14.46 -8.48 -21.91
N LEU B 48 -14.86 -9.63 -22.45
CA LEU B 48 -16.14 -10.24 -22.08
C LEU B 48 -16.06 -10.92 -20.71
N ARG B 49 -17.23 -11.05 -20.06
CA ARG B 49 -17.45 -11.77 -18.81
C ARG B 49 -17.06 -10.92 -17.60
N SER B 50 -15.98 -10.13 -17.72
CA SER B 50 -15.53 -9.21 -16.67
C SER B 50 -16.52 -8.07 -16.47
N ASN B 51 -16.53 -7.54 -15.26
CA ASN B 51 -17.28 -6.33 -15.00
C ASN B 51 -16.61 -5.19 -15.79
N PRO B 52 -17.36 -4.36 -16.50
CA PRO B 52 -16.71 -3.41 -17.44
C PRO B 52 -15.90 -2.30 -16.79
N GLU B 53 -16.18 -1.88 -15.54
CA GLU B 53 -15.30 -0.91 -14.89
C GLU B 53 -13.92 -1.47 -14.57
N ASP B 54 -13.74 -2.79 -14.62
CA ASP B 54 -12.49 -3.42 -14.22
C ASP B 54 -11.75 -4.09 -15.40
N GLN B 55 -12.16 -3.80 -16.64
CA GLN B 55 -11.49 -4.39 -17.82
C GLN B 55 -9.99 -4.16 -17.84
N ILE B 56 -9.53 -3.03 -17.32
CA ILE B 56 -8.10 -2.69 -17.41
C ILE B 56 -7.22 -3.76 -16.77
N LEU B 57 -7.74 -4.54 -15.80
CA LEU B 57 -6.94 -5.60 -15.18
C LEU B 57 -6.55 -6.67 -16.20
N TYR B 58 -7.48 -7.03 -17.09
CA TYR B 58 -7.30 -8.05 -18.12
C TYR B 58 -6.71 -7.52 -19.43
N GLN B 59 -6.75 -6.19 -19.66
CA GLN B 59 -6.18 -5.56 -20.85
C GLN B 59 -4.67 -5.33 -20.76
N THR B 60 -4.06 -5.48 -19.57
CA THR B 60 -2.62 -5.36 -19.34
C THR B 60 -2.06 -6.67 -18.80
N GLU B 61 -0.82 -7.02 -19.20
CA GLU B 61 -0.20 -8.30 -18.83
C GLU B 61 1.32 -8.16 -18.61
N ARG B 62 1.91 -9.15 -17.93
CA ARG B 62 3.34 -9.45 -18.02
C ARG B 62 3.54 -10.86 -18.61
N TYR B 63 4.44 -10.99 -19.60
CA TYR B 63 4.75 -12.28 -20.25
C TYR B 63 6.27 -12.41 -20.43
N ASN B 64 6.74 -13.62 -20.78
CA ASN B 64 8.18 -13.82 -21.01
C ASN B 64 8.43 -15.08 -21.86
N GLU B 65 9.57 -15.09 -22.58
CA GLU B 65 10.00 -16.24 -23.35
C GLU B 65 10.79 -17.28 -22.53
N GLU B 66 11.06 -17.01 -21.25
CA GLU B 66 11.62 -17.96 -20.29
C GLU B 66 10.79 -17.93 -19.01
N THR B 67 10.95 -18.95 -18.16
CA THR B 67 10.22 -19.02 -16.89
C THR B 67 10.48 -17.77 -16.04
N PHE B 68 9.42 -17.26 -15.35
CA PHE B 68 9.53 -16.09 -14.47
C PHE B 68 8.50 -16.18 -13.33
N GLY B 69 8.67 -15.34 -12.30
CA GLY B 69 7.73 -15.37 -11.16
C GLY B 69 7.81 -14.22 -10.17
N TYR B 70 6.86 -14.24 -9.20
CA TYR B 70 6.75 -13.25 -8.12
C TYR B 70 7.07 -13.88 -6.77
N GLU B 71 7.85 -13.18 -5.94
CA GLU B 71 8.09 -13.56 -4.54
C GLU B 71 7.16 -12.78 -3.61
N VAL B 72 6.55 -13.48 -2.63
CA VAL B 72 5.57 -12.90 -1.73
C VAL B 72 5.94 -13.17 -0.28
N PRO B 73 6.10 -12.14 0.57
CA PRO B 73 6.27 -12.41 2.02
C PRO B 73 4.93 -12.67 2.71
N ILE B 74 4.88 -13.71 3.56
CA ILE B 74 3.69 -14.05 4.37
C ILE B 74 4.06 -13.98 5.84
N LYS B 75 3.43 -13.06 6.58
CA LYS B 75 3.92 -12.75 7.93
C LYS B 75 3.29 -13.61 9.03
N GLU B 76 2.07 -14.13 8.87
CA GLU B 76 1.40 -14.91 9.91
C GLU B 76 0.84 -16.25 9.39
N GLU B 77 0.77 -17.24 10.29
CA GLU B 77 0.13 -18.52 9.95
C GLU B 77 -1.38 -18.34 9.75
N GLY B 78 -1.99 -19.26 8.98
CA GLY B 78 -3.43 -19.28 8.81
C GLY B 78 -3.85 -19.90 7.48
N ASP B 79 -5.14 -19.75 7.17
CA ASP B 79 -5.72 -20.22 5.90
C ASP B 79 -5.81 -19.06 4.89
N TYR B 80 -5.44 -19.34 3.62
CA TYR B 80 -5.39 -18.33 2.56
C TYR B 80 -5.93 -18.90 1.23
N VAL B 81 -6.31 -17.99 0.31
CA VAL B 81 -6.67 -18.35 -1.07
C VAL B 81 -5.94 -17.43 -2.04
N LEU B 82 -5.25 -18.03 -3.03
CA LEU B 82 -4.61 -17.33 -4.15
C LEU B 82 -5.55 -17.32 -5.36
N VAL B 83 -5.79 -16.13 -5.94
CA VAL B 83 -6.61 -15.96 -7.15
C VAL B 83 -5.74 -15.39 -8.26
N LEU B 84 -5.74 -16.06 -9.44
CA LEU B 84 -4.96 -15.68 -10.61
C LEU B 84 -5.88 -15.34 -11.77
N LYS B 85 -5.70 -14.16 -12.39
CA LYS B 85 -6.59 -13.65 -13.45
C LYS B 85 -5.87 -13.62 -14.80
N PHE B 86 -6.53 -14.14 -15.86
CA PHE B 86 -5.97 -14.30 -17.22
C PHE B 86 -6.96 -13.88 -18.32
N ALA B 87 -6.42 -13.50 -19.50
CA ALA B 87 -7.18 -13.40 -20.76
C ALA B 87 -6.24 -13.65 -21.95
N GLU B 88 -6.78 -14.25 -23.04
CA GLU B 88 -6.03 -14.46 -24.28
C GLU B 88 -6.42 -13.37 -25.28
N VAL B 89 -5.52 -12.41 -25.50
CA VAL B 89 -5.80 -11.25 -26.37
C VAL B 89 -5.12 -11.35 -27.73
N TYR B 90 -4.52 -12.52 -28.07
CA TYR B 90 -3.86 -12.69 -29.38
C TYR B 90 -4.40 -13.90 -30.18
N PHE B 91 -4.34 -15.12 -29.63
CA PHE B 91 -4.73 -16.34 -30.33
C PHE B 91 -6.25 -16.62 -30.22
N ALA B 92 -6.76 -17.44 -31.18
CA ALA B 92 -8.17 -17.87 -31.20
C ALA B 92 -8.32 -19.30 -31.74
N GLN B 93 -7.39 -20.19 -31.36
CA GLN B 93 -7.48 -21.64 -31.53
C GLN B 93 -6.83 -22.31 -30.32
N SER B 94 -7.19 -23.57 -30.06
CA SER B 94 -6.58 -24.27 -28.94
C SER B 94 -5.18 -24.78 -29.31
N GLN B 95 -4.41 -25.10 -28.27
CA GLN B 95 -3.05 -25.63 -28.42
C GLN B 95 -2.13 -24.65 -29.17
N GLN B 96 -2.30 -23.35 -28.90
CA GLN B 96 -1.38 -22.33 -29.40
C GLN B 96 -0.52 -21.74 -28.29
N LYS B 97 -1.11 -21.37 -27.16
CA LYS B 97 -0.40 -20.96 -25.92
C LYS B 97 -0.84 -21.89 -24.78
N VAL B 98 0.13 -22.62 -24.19
CA VAL B 98 -0.11 -23.60 -23.11
C VAL B 98 1.06 -23.54 -22.12
N PHE B 99 0.77 -23.49 -20.80
CA PHE B 99 1.84 -23.40 -19.79
C PHE B 99 1.38 -23.91 -18.41
N ASP B 100 2.36 -24.28 -17.56
CA ASP B 100 2.14 -24.69 -16.17
C ASP B 100 2.29 -23.51 -15.18
N VAL B 101 1.62 -23.62 -14.01
CA VAL B 101 1.81 -22.73 -12.87
C VAL B 101 2.28 -23.56 -11.65
N ARG B 102 3.36 -23.10 -10.98
CA ARG B 102 3.93 -23.74 -9.80
C ARG B 102 3.95 -22.80 -8.58
N LEU B 103 3.79 -23.39 -7.39
CA LEU B 103 3.88 -22.69 -6.11
C LEU B 103 4.89 -23.41 -5.22
N ASN B 104 6.03 -22.76 -4.94
CA ASN B 104 7.13 -23.38 -4.18
C ASN B 104 7.51 -24.74 -4.77
N GLY B 105 7.42 -24.87 -6.09
CA GLY B 105 7.77 -26.10 -6.78
C GLY B 105 6.62 -27.07 -7.05
N HIS B 106 5.50 -26.95 -6.32
CA HIS B 106 4.34 -27.81 -6.55
C HIS B 106 3.58 -27.34 -7.80
N VAL B 107 3.29 -28.25 -8.73
CA VAL B 107 2.48 -27.91 -9.90
C VAL B 107 1.01 -27.79 -9.46
N VAL B 108 0.45 -26.57 -9.53
CA VAL B 108 -0.91 -26.33 -9.08
C VAL B 108 -1.89 -26.08 -10.24
N VAL B 109 -1.42 -25.72 -11.43
CA VAL B 109 -2.23 -25.72 -12.65
C VAL B 109 -1.42 -26.37 -13.76
N LYS B 110 -1.90 -27.50 -14.28
CA LYS B 110 -1.21 -28.25 -15.34
C LYS B 110 -1.82 -27.97 -16.70
N ASP B 111 -0.98 -27.57 -17.66
CA ASP B 111 -1.36 -27.37 -19.07
C ASP B 111 -2.52 -26.38 -19.24
N LEU B 112 -2.37 -25.18 -18.68
CA LEU B 112 -3.37 -24.11 -18.82
C LEU B 112 -3.39 -23.60 -20.27
N ASP B 113 -4.55 -23.72 -20.92
CA ASP B 113 -4.84 -23.25 -22.28
C ASP B 113 -6.04 -22.29 -22.13
N ILE B 114 -5.73 -20.99 -21.99
CA ILE B 114 -6.76 -19.98 -21.70
C ILE B 114 -7.85 -19.98 -22.79
N PHE B 115 -7.45 -19.95 -24.08
CA PHE B 115 -8.46 -19.94 -25.14
C PHE B 115 -9.39 -21.15 -25.05
N ASP B 116 -8.84 -22.35 -24.81
CA ASP B 116 -9.68 -23.55 -24.80
C ASP B 116 -10.77 -23.47 -23.72
N ARG B 117 -10.45 -22.87 -22.57
CA ARG B 117 -11.39 -22.77 -21.45
C ARG B 117 -12.48 -21.70 -21.66
N VAL B 118 -12.15 -20.53 -22.25
CA VAL B 118 -13.11 -19.42 -22.26
C VAL B 118 -13.28 -18.68 -23.59
N GLY B 119 -12.43 -18.93 -24.60
CA GLY B 119 -12.49 -18.19 -25.85
C GLY B 119 -11.51 -17.02 -25.92
N HIS B 120 -11.70 -16.16 -26.95
CA HIS B 120 -10.85 -14.99 -27.22
C HIS B 120 -11.36 -13.76 -26.47
N SER B 121 -10.43 -12.98 -25.90
CA SER B 121 -10.73 -11.69 -25.25
C SER B 121 -11.82 -11.81 -24.17
N THR B 122 -11.66 -12.83 -23.30
CA THR B 122 -12.63 -13.20 -22.25
C THR B 122 -11.91 -13.54 -20.94
N ALA B 123 -12.47 -13.11 -19.79
CA ALA B 123 -11.85 -13.37 -18.49
C ALA B 123 -11.89 -14.84 -18.07
N HIS B 124 -10.77 -15.32 -17.48
CA HIS B 124 -10.63 -16.65 -16.86
C HIS B 124 -9.83 -16.55 -15.55
N ASP B 125 -10.37 -17.07 -14.43
CA ASP B 125 -9.67 -17.07 -13.14
C ASP B 125 -9.39 -18.49 -12.63
N GLU B 126 -8.22 -18.70 -12.02
CA GLU B 126 -7.91 -19.92 -11.25
C GLU B 126 -7.90 -19.59 -9.76
N ILE B 127 -8.51 -20.47 -8.95
CA ILE B 127 -8.71 -20.27 -7.52
C ILE B 127 -8.02 -21.42 -6.75
N ILE B 128 -7.02 -21.08 -5.94
CA ILE B 128 -6.10 -22.07 -5.31
C ILE B 128 -6.06 -21.93 -3.79
N PRO B 129 -6.77 -22.77 -3.02
CA PRO B 129 -6.68 -22.69 -1.55
C PRO B 129 -5.40 -23.31 -0.99
N MET B 130 -4.97 -22.78 0.16
CA MET B 130 -3.71 -23.17 0.80
C MET B 130 -3.76 -22.91 2.30
N SER B 131 -2.87 -23.60 3.04
CA SER B 131 -2.75 -23.38 4.49
C SER B 131 -1.28 -23.32 4.89
N ILE B 132 -0.96 -22.43 5.84
CA ILE B 132 0.41 -22.22 6.35
C ILE B 132 0.36 -22.37 7.86
N ARG B 133 0.86 -23.51 8.38
CA ARG B 133 0.78 -23.84 9.80
C ARG B 133 1.94 -24.75 10.17
N LYS B 134 2.43 -24.58 11.41
CA LYS B 134 3.43 -25.48 12.01
C LYS B 134 4.70 -25.57 11.16
N GLY B 135 5.06 -24.48 10.49
CA GLY B 135 6.25 -24.45 9.64
C GLY B 135 6.10 -25.07 8.27
N LYS B 136 4.88 -25.35 7.82
CA LYS B 136 4.64 -26.04 6.56
C LYS B 136 3.67 -25.28 5.65
N LEU B 137 3.87 -25.43 4.33
CA LEU B 137 2.89 -25.07 3.30
C LEU B 137 2.12 -26.33 2.88
N SER B 138 0.78 -26.23 2.86
CA SER B 138 -0.10 -27.32 2.38
C SER B 138 -0.93 -26.81 1.21
N VAL B 139 -0.84 -27.50 0.07
CA VAL B 139 -1.60 -27.12 -1.13
C VAL B 139 -1.89 -28.38 -1.97
N GLN B 140 -3.16 -28.55 -2.35
CA GLN B 140 -3.65 -29.70 -3.14
C GLN B 140 -3.16 -31.05 -2.61
N GLY B 141 -3.15 -31.21 -1.29
CA GLY B 141 -2.78 -32.49 -0.72
C GLY B 141 -1.28 -32.74 -0.55
N GLU B 142 -0.42 -31.81 -0.97
CA GLU B 142 1.03 -31.94 -0.83
C GLU B 142 1.55 -30.97 0.25
N VAL B 143 2.71 -31.29 0.82
CA VAL B 143 3.26 -30.55 1.97
C VAL B 143 4.77 -30.34 1.82
N SER B 144 5.27 -29.13 2.19
CA SER B 144 6.70 -28.83 2.17
C SER B 144 7.03 -27.72 3.17
N THR B 145 8.34 -27.56 3.46
CA THR B 145 8.79 -26.59 4.48
C THR B 145 8.58 -25.14 4.00
N PHE B 146 8.03 -24.30 4.88
CA PHE B 146 7.80 -22.88 4.59
C PHE B 146 8.76 -22.02 5.39
N THR B 147 9.46 -21.11 4.70
CA THR B 147 10.52 -20.29 5.28
C THR B 147 10.13 -18.83 5.47
N GLY B 148 8.94 -18.42 5.05
CA GLY B 148 8.52 -17.02 5.09
C GLY B 148 8.17 -16.42 3.74
N LYS B 149 8.55 -17.06 2.64
CA LYS B 149 8.36 -16.55 1.27
C LYS B 149 7.64 -17.58 0.40
N LEU B 150 6.63 -17.14 -0.36
CA LEU B 150 6.02 -17.92 -1.44
C LEU B 150 6.62 -17.51 -2.78
N TYR B 151 6.87 -18.49 -3.67
CA TYR B 151 7.33 -18.21 -5.04
C TYR B 151 6.30 -18.72 -6.04
N ILE B 152 5.67 -17.79 -6.78
CA ILE B 152 4.61 -18.08 -7.77
C ILE B 152 5.24 -18.01 -9.16
N GLU B 153 5.30 -19.16 -9.85
CA GLU B 153 6.08 -19.33 -11.09
C GLU B 153 5.20 -19.67 -12.29
N PHE B 154 5.48 -19.02 -13.42
CA PHE B 154 4.80 -19.25 -14.71
C PHE B 154 5.84 -19.84 -15.68
N VAL B 155 5.65 -21.11 -16.08
CA VAL B 155 6.73 -21.96 -16.63
C VAL B 155 6.69 -21.99 -18.15
N LYS B 156 7.86 -21.81 -18.80
CA LYS B 156 7.95 -21.85 -20.27
C LYS B 156 7.99 -23.29 -20.78
N GLY B 157 7.00 -23.65 -21.59
CA GLY B 157 6.98 -24.94 -22.28
C GLY B 157 7.18 -24.82 -23.79
N TYR B 158 6.54 -25.70 -24.57
CA TYR B 158 6.76 -25.72 -26.01
C TYR B 158 5.81 -24.81 -26.80
N TYR B 159 4.65 -24.41 -26.24
CA TYR B 159 3.60 -23.68 -26.96
C TYR B 159 3.51 -22.20 -26.51
N ASP B 160 4.14 -21.30 -27.27
CA ASP B 160 4.22 -19.84 -27.02
C ASP B 160 4.67 -19.54 -25.58
N ASN B 161 4.25 -18.35 -25.01
CA ASN B 161 4.87 -17.78 -23.80
C ASN B 161 3.94 -17.79 -22.58
N PRO B 162 4.44 -18.10 -21.37
CA PRO B 162 3.64 -17.91 -20.15
C PRO B 162 3.30 -16.44 -19.88
N LYS B 163 2.13 -16.21 -19.25
CA LYS B 163 1.65 -14.85 -18.97
C LYS B 163 0.74 -14.82 -17.74
N VAL B 164 0.53 -13.60 -17.18
CA VAL B 164 -0.48 -13.35 -16.14
C VAL B 164 -0.98 -11.90 -16.24
N CYS B 165 -2.26 -11.67 -15.90
CA CYS B 165 -2.86 -10.33 -15.96
C CYS B 165 -3.02 -9.66 -14.58
N ALA B 166 -3.47 -10.38 -13.57
CA ALA B 166 -3.56 -9.82 -12.20
C ALA B 166 -3.59 -10.96 -11.19
N LEU B 167 -3.33 -10.66 -9.90
CA LEU B 167 -3.29 -11.74 -8.87
C LEU B 167 -3.41 -11.18 -7.44
N TYR B 168 -4.13 -11.89 -6.55
CA TYR B 168 -4.27 -11.45 -5.15
C TYR B 168 -4.32 -12.64 -4.19
N ILE B 169 -3.97 -12.37 -2.91
CA ILE B 169 -4.04 -13.35 -1.82
C ILE B 169 -4.89 -12.79 -0.67
N MET B 170 -5.90 -13.56 -0.24
CA MET B 170 -6.78 -13.16 0.85
C MET B 170 -6.79 -14.20 1.98
N ALA B 171 -6.94 -13.73 3.21
CA ALA B 171 -7.11 -14.62 4.35
C ALA B 171 -8.55 -15.13 4.42
N GLY B 172 -8.73 -16.45 4.49
CA GLY B 172 -10.03 -17.08 4.51
C GLY B 172 -10.05 -18.38 3.75
N THR B 173 -11.25 -18.84 3.37
CA THR B 173 -11.45 -20.08 2.61
C THR B 173 -12.23 -19.78 1.32
N VAL B 174 -12.41 -20.83 0.50
CA VAL B 174 -12.85 -20.64 -0.88
C VAL B 174 -14.29 -20.11 -0.96
N ASP B 175 -15.11 -20.38 0.06
CA ASP B 175 -16.47 -19.87 0.04
C ASP B 175 -16.53 -18.34 0.20
N ASP B 176 -15.43 -17.70 0.60
CA ASP B 176 -15.35 -16.25 0.77
C ASP B 176 -14.98 -15.51 -0.51
N VAL B 177 -14.62 -16.21 -1.58
CA VAL B 177 -14.02 -15.59 -2.77
C VAL B 177 -15.10 -15.23 -3.79
N PRO B 178 -15.14 -13.99 -4.30
CA PRO B 178 -16.07 -13.65 -5.40
C PRO B 178 -15.79 -14.44 -6.68
N LYS B 179 -16.85 -14.95 -7.29
CA LYS B 179 -16.71 -15.82 -8.46
C LYS B 179 -17.18 -15.12 -9.72
N LEU B 180 -16.50 -15.38 -10.84
CA LEU B 180 -16.96 -14.90 -12.14
C LEU B 180 -18.30 -15.54 -12.50
N GLN B 181 -19.08 -14.86 -13.34
CA GLN B 181 -20.37 -15.42 -13.74
C GLN B 181 -20.20 -16.69 -14.57
N PRO B 182 -21.18 -17.61 -14.53
CA PRO B 182 -21.09 -18.82 -15.37
C PRO B 182 -20.91 -18.47 -16.84
N HIS B 183 -20.13 -19.28 -17.56
CA HIS B 183 -19.90 -18.92 -18.96
C HIS B 183 -19.75 -20.13 -19.85
N PRO B 184 -20.44 -20.17 -21.02
CA PRO B 184 -20.37 -21.20 -22.07
C PRO B 184 -18.97 -21.41 -22.62
C1 GLC C . 7.61 -0.50 -4.40
C2 GLC C . 7.03 0.64 -3.57
C3 GLC C . 8.04 1.16 -2.55
C4 GLC C . 8.58 0.02 -1.72
C5 GLC C . 9.09 -1.12 -2.59
C6 GLC C . 9.45 -2.30 -1.72
O1 GLC C . 8.64 -0.01 -5.26
O2 GLC C . 6.60 1.67 -4.48
O3 GLC C . 7.44 2.04 -1.58
O4 GLC C . 9.66 0.51 -0.91
O5 GLC C . 8.10 -1.52 -3.53
O6 GLC C . 10.25 -3.23 -2.46
C1 GLC C . 7.55 3.50 -1.76
C2 GLC C . 7.44 4.21 -0.40
C3 GLC C . 6.00 4.24 0.13
C4 GLC C . 5.08 4.81 -0.95
C5 GLC C . 5.27 4.02 -2.26
C6 GLC C . 4.39 4.52 -3.42
O2 GLC C . 8.35 3.62 0.53
O3 GLC C . 5.94 4.99 1.33
O4 GLC C . 3.71 4.78 -0.55
O5 GLC C . 6.63 4.07 -2.68
O6 GLC C . 4.76 5.84 -3.81
C1 GLC D . 3.34 -11.96 -32.19
C2 GLC D . 2.74 -11.82 -30.80
C3 GLC D . 3.48 -12.68 -29.78
C4 GLC D . 3.58 -14.12 -30.26
C5 GLC D . 4.14 -14.18 -31.68
C6 GLC D . 4.03 -15.60 -32.22
O1 GLC D . 4.65 -11.37 -32.23
O2 GLC D . 2.75 -10.43 -30.44
O3 GLC D . 2.78 -12.79 -28.54
O4 GLC D . 4.44 -14.87 -29.39
O5 GLC D . 3.38 -13.34 -32.55
O6 GLC D . 4.87 -15.75 -33.36
C1 GLC D . 3.17 -11.94 -27.40
C2 GLC D . 2.79 -12.61 -26.06
C3 GLC D . 1.28 -12.52 -25.81
C4 GLC D . 0.82 -11.07 -25.93
C5 GLC D . 1.24 -10.50 -27.29
C6 GLC D . 0.85 -9.04 -27.53
O2 GLC D . 3.26 -13.97 -26.03
O3 GLC D . 0.97 -13.06 -24.51
O4 GLC D . -0.58 -10.94 -25.72
O5 GLC D . 2.66 -10.62 -27.43
O6 GLC D . 1.54 -8.16 -26.65
C1 DIO E . 6.02 28.20 6.54
C2 DIO E . 4.09 28.53 7.84
C1' DIO E . 5.43 26.90 6.00
C2' DIO E . 3.55 27.18 7.37
O1 DIO E . 4.98 29.09 6.89
O1' DIO E . 4.59 26.32 6.97
S SO4 F . 10.15 16.16 -5.46
O1 SO4 F . 9.74 16.96 -4.31
O2 SO4 F . 9.10 16.21 -6.48
O3 SO4 F . 11.40 16.70 -6.00
O4 SO4 F . 10.32 14.75 -5.12
C1 DIO G . 1.10 -5.43 -1.30
C2 DIO G . 1.52 -6.08 -3.54
C1' DIO G . 2.37 -4.60 -1.32
C2' DIO G . 2.81 -5.25 -3.50
O1 DIO G . 0.58 -5.59 -2.62
O1' DIO G . 3.32 -5.18 -2.20
S SO4 H . 8.78 -3.34 -18.67
O1 SO4 H . 8.19 -3.74 -17.40
O2 SO4 H . 8.08 -2.13 -19.14
O3 SO4 H . 8.60 -4.37 -19.69
O4 SO4 H . 10.20 -3.07 -18.50
#